data_7HJ3
#
_entry.id   7HJ3
#
_cell.length_a   26.336
_cell.length_b   47.381
_cell.length_c   46.629
_cell.angle_alpha   90.000
_cell.angle_beta   103.780
_cell.angle_gamma   90.000
#
_symmetry.space_group_name_H-M   'P 1 21 1'
#
loop_
_entity.id
_entity.type
_entity.pdbx_description
1 polymer 'De novo designed ABLE protein'
2 non-polymer 4-propylbenzenesulfonamide
3 water water
#
_entity_poly.entity_id   1
_entity_poly.type   'polypeptide(L)'
_entity_poly.pdbx_seq_one_letter_code
;SVKSEYAEAAAVGQEAVAVFNTMKAAFQNGDKEAVAQYLARLASLYTRHEELLNRILEKARREGNKEAVTLMNEFTATFQ
TGKSIFNAMVAAFKNGDDDSFESYLQALEKVTAKGETLADQIAKAL
;
_entity_poly.pdbx_strand_id   A
#
# COMPACT_ATOMS: atom_id res chain seq x y z
N SER A 1 -5.37 -14.44 15.49
CA SER A 1 -6.69 -14.27 14.88
C SER A 1 -6.53 -13.44 13.61
N VAL A 2 -7.57 -13.45 12.78
CA VAL A 2 -7.52 -12.65 11.56
C VAL A 2 -7.39 -11.17 11.91
N LYS A 3 -7.99 -10.76 13.02
N LYS A 3 -7.98 -10.76 13.03
CA LYS A 3 -7.91 -9.35 13.42
CA LYS A 3 -7.94 -9.36 13.43
C LYS A 3 -6.49 -8.96 13.80
C LYS A 3 -6.53 -8.94 13.83
N SER A 4 -5.79 -9.82 14.54
N SER A 4 -5.80 -9.80 14.54
CA SER A 4 -4.41 -9.54 14.88
CA SER A 4 -4.41 -9.47 14.86
C SER A 4 -3.51 -9.62 13.66
C SER A 4 -3.50 -9.61 13.64
N GLU A 5 -3.81 -10.54 12.74
CA GLU A 5 -3.06 -10.60 11.49
C GLU A 5 -3.30 -9.33 10.66
N TYR A 6 -4.51 -8.76 10.69
CA TYR A 6 -4.72 -7.49 9.98
C TYR A 6 -3.93 -6.33 10.62
N ALA A 7 -3.84 -6.29 11.95
CA ALA A 7 -3.05 -5.24 12.60
C ALA A 7 -1.58 -5.37 12.24
N GLU A 8 -1.09 -6.60 12.07
N GLU A 8 -1.09 -6.61 12.15
CA GLU A 8 0.28 -6.78 11.61
CA GLU A 8 0.28 -6.84 11.69
C GLU A 8 0.44 -6.31 10.16
C GLU A 8 0.45 -6.33 10.26
N ALA A 9 -0.61 -6.42 9.35
N ALA A 9 -0.47 -6.70 9.37
CA ALA A 9 -0.55 -5.96 7.98
CA ALA A 9 -0.47 -6.14 8.03
C ALA A 9 -0.65 -4.44 7.88
C ALA A 9 -0.56 -4.61 8.05
N ALA A 10 -1.40 -3.80 8.78
N ALA A 10 -1.35 -4.06 8.99
CA ALA A 10 -1.49 -2.34 8.78
CA ALA A 10 -1.48 -2.61 9.07
C ALA A 10 -0.16 -1.71 9.19
C ALA A 10 -0.15 -1.94 9.38
N ALA A 11 0.59 -2.38 10.07
N ALA A 11 0.60 -2.50 10.33
CA ALA A 11 1.89 -1.86 10.46
CA ALA A 11 1.89 -1.91 10.68
C ALA A 11 2.87 -1.88 9.29
C ALA A 11 2.85 -1.99 9.51
N VAL A 12 2.79 -2.91 8.45
N VAL A 12 2.86 -3.13 8.82
CA VAL A 12 3.62 -2.94 7.24
CA VAL A 12 3.67 -3.23 7.61
C VAL A 12 3.18 -1.83 6.29
C VAL A 12 3.31 -2.14 6.61
N GLY A 13 1.88 -1.64 6.10
N GLY A 13 2.01 -1.83 6.45
CA GLY A 13 1.44 -0.51 5.30
CA GLY A 13 1.62 -0.73 5.59
C GLY A 13 1.98 0.81 5.82
C GLY A 13 2.17 0.61 6.06
N GLN A 14 1.98 0.98 7.15
N GLN A 14 2.12 0.86 7.38
CA GLN A 14 2.43 2.24 7.72
CA GLN A 14 2.71 2.08 7.93
C GLN A 14 3.92 2.45 7.56
C GLN A 14 4.20 2.16 7.67
N GLU A 15 4.70 1.36 7.60
N GLU A 15 4.87 1.00 7.57
CA GLU A 15 6.13 1.49 7.32
CA GLU A 15 6.30 1.07 7.29
C GLU A 15 6.35 1.95 5.89
C GLU A 15 6.56 1.64 5.90
N ALA A 16 5.63 1.36 4.94
N ALA A 16 5.75 1.24 4.92
CA ALA A 16 5.76 1.78 3.55
CA ALA A 16 5.87 1.82 3.58
C ALA A 16 5.41 3.24 3.37
C ALA A 16 5.53 3.31 3.59
N VAL A 17 4.45 3.75 4.16
N VAL A 17 4.54 3.71 4.40
CA VAL A 17 4.18 5.19 4.15
CA VAL A 17 4.22 5.12 4.49
C VAL A 17 5.39 5.96 4.64
C VAL A 17 5.44 5.93 4.90
N ALA A 18 5.99 5.49 5.73
N ALA A 18 6.12 5.49 5.95
CA ALA A 18 7.17 6.19 6.28
CA ALA A 18 7.32 6.21 6.40
C ALA A 18 8.32 6.18 5.28
C ALA A 18 8.42 6.21 5.35
N VAL A 19 8.61 5.02 4.67
N VAL A 19 8.72 5.05 4.77
CA VAL A 19 9.66 4.96 3.67
CA VAL A 19 9.82 4.98 3.80
C VAL A 19 9.28 5.79 2.45
C VAL A 19 9.50 5.80 2.56
N PHE A 20 8.00 5.75 2.06
N PHE A 20 8.23 5.80 2.15
CA PHE A 20 7.57 6.51 0.88
CA PHE A 20 7.81 6.60 1.00
C PHE A 20 7.80 7.99 1.07
C PHE A 20 8.07 8.08 1.25
N ASN A 21 7.54 8.52 2.27
N ASN A 21 7.72 8.58 2.43
CA ASN A 21 7.75 9.94 2.51
CA ASN A 21 7.85 10.01 2.64
C ASN A 21 9.23 10.28 2.55
C ASN A 21 9.32 10.43 2.70
N THR A 22 10.05 9.41 3.14
N THR A 22 10.20 9.60 3.25
CA THR A 22 11.48 9.62 3.11
CA THR A 22 11.62 9.93 3.24
C THR A 22 11.98 9.66 1.67
C THR A 22 12.20 9.78 1.84
N MET A 23 11.54 8.70 0.86
N MET A 23 11.65 8.86 1.04
CA MET A 23 11.93 8.63 -0.55
CA MET A 23 12.02 8.76 -0.36
C MET A 23 11.49 9.88 -1.31
C MET A 23 11.61 10.01 -1.12
N LYS A 24 10.37 10.48 -0.91
CA LYS A 24 9.91 11.70 -1.58
C LYS A 24 10.86 12.86 -1.30
N ALA A 25 11.32 13.00 -0.06
N ALA A 25 11.28 13.03 -0.04
CA ALA A 25 12.27 14.04 0.29
CA ALA A 25 12.25 14.07 0.32
C ALA A 25 13.59 13.86 -0.45
C ALA A 25 13.55 13.90 -0.45
N ALA A 26 14.06 12.62 -0.55
N ALA A 26 14.03 12.67 -0.53
CA ALA A 26 15.31 12.35 -1.25
CA ALA A 26 15.28 12.38 -1.23
C ALA A 26 15.21 12.65 -2.74
C ALA A 26 15.18 12.71 -2.71
N PHE A 27 14.03 12.39 -3.32
CA PHE A 27 13.83 12.69 -4.74
C PHE A 27 13.88 14.20 -4.95
N GLN A 28 13.17 14.96 -4.11
CA GLN A 28 13.17 16.40 -4.26
C GLN A 28 14.58 16.95 -4.14
N ASN A 29 15.36 16.43 -3.20
N ASN A 29 15.36 16.43 -3.18
CA ASN A 29 16.73 16.87 -3.01
CA ASN A 29 16.76 16.83 -2.97
C ASN A 29 17.69 16.39 -4.11
C ASN A 29 17.72 16.30 -4.04
N GLY A 30 17.25 15.48 -4.98
CA GLY A 30 18.11 14.97 -6.04
C GLY A 30 19.06 13.88 -5.64
N ASP A 31 18.77 13.17 -4.53
CA ASP A 31 19.64 12.13 -3.99
C ASP A 31 19.20 10.79 -4.59
N LYS A 32 19.59 10.59 -5.86
CA LYS A 32 19.12 9.43 -6.58
C LYS A 32 19.62 8.13 -5.96
N GLU A 33 20.83 8.13 -5.39
N GLU A 33 20.82 8.13 -5.37
CA GLU A 33 21.31 6.91 -4.74
CA GLU A 33 21.30 6.90 -4.75
C GLU A 33 20.40 6.51 -3.58
C GLU A 33 20.42 6.50 -3.56
N ALA A 34 19.95 7.48 -2.80
CA ALA A 34 18.97 7.19 -1.76
C ALA A 34 17.66 6.72 -2.36
N VAL A 35 17.16 7.42 -3.37
CA VAL A 35 15.86 7.01 -3.96
C VAL A 35 15.89 5.55 -4.39
N ALA A 36 16.94 5.14 -5.12
CA ALA A 36 17.02 3.77 -5.58
C ALA A 36 16.86 2.75 -4.44
N GLN A 37 17.54 2.98 -3.34
CA GLN A 37 17.47 2.04 -2.22
C GLN A 37 16.08 2.06 -1.59
N TYR A 38 15.52 3.24 -1.40
CA TYR A 38 14.16 3.35 -0.87
C TYR A 38 13.14 2.66 -1.77
N LEU A 39 13.29 2.80 -3.10
CA LEU A 39 12.36 2.13 -4.01
C LEU A 39 12.44 0.59 -3.86
N ALA A 40 13.65 0.05 -3.66
CA ALA A 40 13.81 -1.37 -3.44
C ALA A 40 13.15 -1.78 -2.12
N ARG A 41 13.35 -0.98 -1.07
N ARG A 41 13.34 -0.98 -1.08
CA ARG A 41 12.72 -1.24 0.21
CA ARG A 41 12.72 -1.24 0.21
C ARG A 41 11.19 -1.23 0.09
C ARG A 41 11.20 -1.24 0.07
N LEU A 42 10.65 -0.24 -0.62
CA LEU A 42 9.21 -0.15 -0.82
C LEU A 42 8.69 -1.36 -1.58
N ALA A 43 9.44 -1.84 -2.57
N ALA A 43 9.43 -1.83 -2.59
CA ALA A 43 8.97 -2.96 -3.36
CA ALA A 43 8.91 -2.96 -3.35
C ALA A 43 8.78 -4.18 -2.48
C ALA A 43 8.75 -4.17 -2.46
N SER A 44 9.71 -4.43 -1.56
N SER A 44 9.72 -4.37 -1.56
CA SER A 44 9.59 -5.56 -0.68
CA SER A 44 9.66 -5.47 -0.62
C SER A 44 8.45 -5.38 0.31
C SER A 44 8.47 -5.31 0.33
N LEU A 45 8.28 -4.16 0.81
N LEU A 45 8.30 -4.10 0.84
CA LEU A 45 7.18 -3.87 1.73
CA LEU A 45 7.20 -3.79 1.75
C LEU A 45 5.83 -4.10 1.05
C LEU A 45 5.85 -3.96 1.09
N TYR A 46 5.67 -3.64 -0.18
N TYR A 46 5.69 -3.49 -0.14
CA TYR A 46 4.42 -3.88 -0.89
CA TYR A 46 4.41 -3.62 -0.82
C TYR A 46 4.21 -5.36 -1.16
C TYR A 46 4.11 -5.07 -1.16
N THR A 47 5.29 -6.09 -1.47
N THR A 47 5.13 -5.84 -1.57
CA THR A 47 5.15 -7.53 -1.67
CA THR A 47 4.93 -7.27 -1.78
C THR A 47 4.72 -8.22 -0.38
C THR A 47 4.45 -7.96 -0.51
N ARG A 48 5.33 -7.85 0.74
N ARG A 48 5.07 -7.64 0.62
CA ARG A 48 4.93 -8.43 2.03
CA ARG A 48 4.73 -8.25 1.90
C ARG A 48 3.50 -8.04 2.38
C ARG A 48 3.30 -7.90 2.32
N HIS A 49 3.12 -6.78 2.15
N HIS A 49 2.95 -6.61 2.26
CA HIS A 49 1.76 -6.35 2.45
CA HIS A 49 1.59 -6.18 2.57
C HIS A 49 0.75 -7.09 1.57
C HIS A 49 0.57 -6.98 1.76
N GLU A 50 1.08 -7.24 0.28
N GLU A 50 0.81 -7.11 0.45
CA GLU A 50 0.16 -7.91 -0.63
CA GLU A 50 -0.14 -7.81 -0.42
C GLU A 50 -0.09 -9.35 -0.22
C GLU A 50 -0.29 -9.27 -0.01
N GLU A 51 0.94 -10.01 0.33
N GLU A 51 0.83 -9.92 0.30
CA GLU A 51 0.80 -11.40 0.72
CA GLU A 51 0.77 -11.32 0.69
C GLU A 51 0.00 -11.54 2.01
C GLU A 51 -0.05 -11.48 1.96
N LEU A 52 0.15 -10.61 2.94
CA LEU A 52 -0.63 -10.65 4.17
C LEU A 52 -2.10 -10.38 3.91
N LEU A 53 -2.40 -9.43 3.02
N LEU A 53 -2.40 -9.45 3.02
CA LEU A 53 -3.79 -9.10 2.73
CA LEU A 53 -3.78 -9.13 2.69
C LEU A 53 -4.51 -10.26 2.07
C LEU A 53 -4.47 -10.31 2.01
N ASN A 54 -3.82 -11.01 1.20
N ASN A 54 -3.76 -11.02 1.13
CA ASN A 54 -4.46 -12.16 0.58
CA ASN A 54 -4.37 -12.18 0.49
C ASN A 54 -4.76 -13.25 1.61
C ASN A 54 -4.72 -13.25 1.52
N ARG A 55 -3.86 -13.45 2.57
N ARG A 55 -3.79 -13.49 2.45
CA ARG A 55 -4.11 -14.43 3.63
CA ARG A 55 -4.06 -14.48 3.49
C ARG A 55 -5.20 -13.97 4.58
C ARG A 55 -5.30 -14.10 4.28
N ILE A 56 -5.43 -12.67 4.69
N ILE A 56 -5.40 -12.84 4.67
CA ILE A 56 -6.55 -12.18 5.46
CA ILE A 56 -6.54 -12.36 5.45
C ILE A 56 -7.85 -12.39 4.69
C ILE A 56 -7.83 -12.52 4.66
N LEU A 57 -7.81 -12.13 3.38
CA LEU A 57 -9.01 -12.34 2.55
C LEU A 57 -9.40 -13.80 2.48
N GLU A 58 -8.43 -14.67 2.21
CA GLU A 58 -8.74 -16.10 2.12
C GLU A 58 -9.32 -16.60 3.43
N LYS A 59 -8.82 -16.10 4.56
N LYS A 59 -8.85 -16.07 4.56
CA LYS A 59 -9.29 -16.53 5.87
CA LYS A 59 -9.30 -16.53 5.88
C LYS A 59 -10.71 -16.04 6.13
C LYS A 59 -10.71 -16.03 6.15
N ALA A 60 -10.98 -14.78 5.81
CA ALA A 60 -12.34 -14.26 5.96
C ALA A 60 -13.34 -15.04 5.10
N ARG A 61 -12.92 -15.51 3.91
CA ARG A 61 -13.78 -16.32 3.05
C ARG A 61 -14.04 -17.68 3.68
N ARG A 62 -12.99 -18.34 4.20
CA ARG A 62 -13.16 -19.63 4.87
C ARG A 62 -14.09 -19.48 6.08
N GLU A 63 -14.03 -18.34 6.75
CA GLU A 63 -14.85 -18.03 7.92
C GLU A 63 -16.25 -17.59 7.59
N GLY A 64 -16.54 -17.34 6.31
N GLY A 64 -16.54 -17.34 6.31
CA GLY A 64 -17.85 -16.88 5.91
CA GLY A 64 -17.86 -16.88 5.92
C GLY A 64 -18.21 -15.48 6.34
C GLY A 64 -18.20 -15.49 6.43
N ASN A 65 -17.21 -14.64 6.63
CA ASN A 65 -17.46 -13.28 7.11
C ASN A 65 -17.76 -12.42 5.89
N LYS A 66 -19.02 -12.46 5.47
N LYS A 66 -19.01 -12.48 5.46
CA LYS A 66 -19.41 -11.88 4.18
CA LYS A 66 -19.38 -11.87 4.17
C LYS A 66 -19.06 -10.40 4.10
C LYS A 66 -19.00 -10.40 4.12
N GLU A 67 -19.33 -9.64 5.16
CA GLU A 67 -19.01 -8.21 5.11
C GLU A 67 -17.52 -8.01 4.99
N ALA A 68 -16.73 -8.77 5.74
CA ALA A 68 -15.29 -8.59 5.65
C ALA A 68 -14.76 -8.96 4.27
N VAL A 69 -15.32 -10.03 3.68
CA VAL A 69 -14.93 -10.43 2.31
C VAL A 69 -15.21 -9.29 1.32
N THR A 70 -16.43 -8.74 1.34
N THR A 70 -16.44 -8.75 1.33
CA THR A 70 -16.77 -7.66 0.42
CA THR A 70 -16.81 -7.65 0.44
C THR A 70 -15.79 -6.51 0.53
C THR A 70 -15.81 -6.50 0.53
N LEU A 71 -15.53 -6.06 1.77
CA LEU A 71 -14.62 -4.95 1.99
C LEU A 71 -13.22 -5.29 1.53
N MET A 72 -12.76 -6.50 1.83
CA MET A 72 -11.41 -6.91 1.43
C MET A 72 -11.31 -7.04 -0.09
N ASN A 73 -12.37 -7.48 -0.76
N ASN A 73 -12.36 -7.53 -0.77
CA ASN A 73 -12.32 -7.54 -2.23
CA ASN A 73 -12.32 -7.56 -2.23
C ASN A 73 -12.19 -6.16 -2.84
C ASN A 73 -12.16 -6.15 -2.81
N GLU A 74 -12.82 -5.15 -2.24
N GLU A 74 -12.91 -5.17 -2.29
CA GLU A 74 -12.63 -3.79 -2.70
CA GLU A 74 -12.77 -3.79 -2.73
C GLU A 74 -11.22 -3.31 -2.38
C GLU A 74 -11.38 -3.26 -2.37
N PHE A 75 -10.78 -3.52 -1.14
N PHE A 75 -10.89 -3.60 -1.18
CA PHE A 75 -9.53 -2.92 -0.68
CA PHE A 75 -9.60 -3.08 -0.76
C PHE A 75 -8.34 -3.45 -1.47
C PHE A 75 -8.47 -3.67 -1.59
N THR A 76 -8.35 -4.74 -1.80
N THR A 76 -8.53 -4.98 -1.88
CA THR A 76 -7.23 -5.30 -2.54
CA THR A 76 -7.47 -5.59 -2.68
C THR A 76 -7.28 -4.91 -4.02
C THR A 76 -7.40 -4.96 -4.07
N ALA A 77 -8.47 -4.67 -4.56
N ALA A 77 -8.56 -4.71 -4.68
CA ALA A 77 -8.56 -4.11 -5.90
CA ALA A 77 -8.59 -4.02 -5.97
C ALA A 77 -7.92 -2.73 -5.94
C ALA A 77 -7.89 -2.68 -5.86
N THR A 78 -8.15 -1.92 -4.90
N THR A 78 -8.27 -1.87 -4.86
CA THR A 78 -7.46 -0.63 -4.79
CA THR A 78 -7.62 -0.57 -4.66
C THR A 78 -5.96 -0.83 -4.60
C THR A 78 -6.11 -0.71 -4.47
N PHE A 79 -5.56 -1.90 -3.93
N PHE A 79 -5.69 -1.71 -3.70
CA PHE A 79 -4.14 -2.16 -3.73
CA PHE A 79 -4.27 -1.93 -3.49
C PHE A 79 -3.43 -2.40 -5.07
C PHE A 79 -3.56 -2.10 -4.82
N GLN A 80 -4.09 -3.11 -5.98
N GLN A 80 -4.19 -2.85 -5.75
CA GLN A 80 -3.50 -3.37 -7.27
CA GLN A 80 -3.58 -3.15 -7.04
C GLN A 80 -3.40 -2.11 -8.12
C GLN A 80 -3.40 -1.87 -7.85
N THR A 81 -4.24 -1.11 -7.84
N THR A 81 -4.38 -0.96 -7.81
CA THR A 81 -4.11 0.19 -8.50
CA THR A 81 -4.23 0.33 -8.47
C THR A 81 -2.84 0.90 -8.03
C THR A 81 -3.00 1.04 -7.93
N GLY A 82 -2.66 0.99 -6.72
N GLY A 82 -2.84 1.00 -6.61
CA GLY A 82 -1.46 1.62 -6.19
CA GLY A 82 -1.63 1.59 -6.03
C GLY A 82 -0.20 0.87 -6.60
C GLY A 82 -0.38 0.93 -6.59
N LYS A 83 -0.28 -0.46 -6.64
N LYS A 83 -0.36 -0.39 -6.59
CA LYS A 83 0.86 -1.25 -7.07
CA LYS A 83 0.82 -1.13 -7.02
C LYS A 83 1.19 -1.02 -8.53
C LYS A 83 1.17 -0.83 -8.48
N SER A 84 0.17 -0.77 -9.37
CA SER A 84 0.45 -0.46 -10.77
C SER A 84 1.10 0.91 -10.88
N ILE A 85 0.60 1.87 -10.11
CA ILE A 85 1.22 3.19 -10.14
C ILE A 85 2.63 3.12 -9.56
N PHE A 86 2.83 2.36 -8.48
CA PHE A 86 4.16 2.24 -7.91
C PHE A 86 5.13 1.70 -8.94
N ASN A 87 4.74 0.63 -9.62
CA ASN A 87 5.63 0.03 -10.60
C ASN A 87 5.92 1.00 -11.72
N ALA A 88 4.94 1.82 -12.11
CA ALA A 88 5.21 2.83 -13.14
C ALA A 88 6.17 3.88 -12.65
N MET A 89 6.07 4.26 -11.37
CA MET A 89 7.03 5.19 -10.78
C MET A 89 8.44 4.61 -10.83
N VAL A 90 8.59 3.34 -10.47
CA VAL A 90 9.90 2.69 -10.51
C VAL A 90 10.48 2.74 -11.92
N ALA A 91 9.64 2.49 -12.92
CA ALA A 91 10.13 2.51 -14.30
C ALA A 91 10.54 3.92 -14.71
N ALA A 92 9.79 4.93 -14.26
CA ALA A 92 10.13 6.31 -14.53
C ALA A 92 11.48 6.65 -13.94
N PHE A 93 11.80 6.05 -12.81
CA PHE A 93 13.09 6.31 -12.19
C PHE A 93 14.22 5.68 -13.00
N LYS A 94 14.05 4.42 -13.38
N LYS A 94 14.04 4.41 -13.38
CA LYS A 94 15.05 3.76 -14.22
CA LYS A 94 15.02 3.74 -14.23
C LYS A 94 15.26 4.54 -15.51
C LYS A 94 15.25 4.52 -15.50
N ASN A 95 14.19 5.07 -16.08
CA ASN A 95 14.30 5.82 -17.34
C ASN A 95 14.81 7.24 -17.19
N GLY A 96 14.92 7.76 -15.98
CA GLY A 96 15.32 9.14 -15.77
C GLY A 96 14.27 10.16 -16.16
N ASP A 97 12.99 9.78 -16.11
N ASP A 97 13.00 9.79 -16.10
CA ASP A 97 11.88 10.66 -16.44
CA ASP A 97 11.89 10.68 -16.46
C ASP A 97 11.34 11.23 -15.14
C ASP A 97 11.30 11.27 -15.18
N ASP A 98 11.88 12.38 -14.73
CA ASP A 98 11.44 12.99 -13.48
C ASP A 98 10.02 13.52 -13.58
N ASP A 99 9.58 13.96 -14.77
CA ASP A 99 8.21 14.44 -14.92
C ASP A 99 7.19 13.32 -14.71
N SER A 100 7.46 12.12 -15.24
N SER A 100 7.46 12.12 -15.24
CA SER A 100 6.55 11.01 -14.99
CA SER A 100 6.55 11.01 -14.99
C SER A 100 6.69 10.47 -13.58
C SER A 100 6.68 10.50 -13.56
N PHE A 101 7.89 10.50 -13.01
CA PHE A 101 8.06 10.07 -11.63
C PHE A 101 7.18 10.92 -10.72
N GLU A 102 7.24 12.25 -10.90
CA GLU A 102 6.43 13.18 -10.11
C GLU A 102 4.95 12.89 -10.25
N SER A 103 4.48 12.69 -11.49
N SER A 103 4.48 12.70 -11.49
CA SER A 103 3.07 12.42 -11.72
CA SER A 103 3.08 12.41 -11.74
C SER A 103 2.63 11.15 -11.01
C SER A 103 2.67 11.11 -11.03
N TYR A 104 3.45 10.09 -11.07
N TYR A 104 3.40 10.03 -11.29
CA TYR A 104 3.10 8.84 -10.40
CA TYR A 104 3.07 8.75 -10.67
C TYR A 104 3.18 8.95 -8.89
C TYR A 104 3.12 8.82 -9.14
N LEU A 105 4.05 9.82 -8.37
N LEU A 105 4.12 9.52 -8.61
CA LEU A 105 4.20 9.96 -6.93
CA LEU A 105 4.21 9.69 -7.16
C LEU A 105 2.97 10.60 -6.30
C LEU A 105 2.97 10.37 -6.61
N GLN A 106 2.46 11.67 -6.92
N GLN A 106 2.55 11.48 -7.23
CA GLN A 106 1.25 12.30 -6.41
CA GLN A 106 1.38 12.21 -6.78
C GLN A 106 0.07 11.34 -6.50
C GLN A 106 0.09 11.42 -6.97
N ALA A 107 -0.05 10.62 -7.62
N ALA A 107 0.03 10.59 -8.01
CA ALA A 107 -1.17 9.71 -7.78
CA ALA A 107 -1.16 9.74 -8.18
C ALA A 107 -1.16 8.63 -6.71
C ALA A 107 -1.23 8.72 -7.07
N LEU A 108 0.03 8.10 -6.38
N LEU A 108 -0.07 8.19 -6.68
CA LEU A 108 0.14 7.07 -5.37
CA LEU A 108 -0.02 7.11 -5.70
C LEU A 108 -0.16 7.62 -3.97
C LEU A 108 -0.43 7.62 -4.33
N GLU A 109 -0.05 8.93 -3.78
N GLU A 109 -0.01 8.83 -3.98
CA GLU A 109 -0.46 9.56 -2.52
CA GLU A 109 -0.51 9.45 -2.76
C GLU A 109 -1.98 9.72 -2.45
C GLU A 109 -2.03 9.57 -2.77
N LYS A 110 -2.62 10.13 -3.55
N LYS A 110 -2.62 9.93 -3.93
CA LYS A 110 -4.07 10.30 -3.55
CA LYS A 110 -4.08 10.02 -4.01
C LYS A 110 -4.79 8.96 -3.49
C LYS A 110 -4.74 8.67 -3.84
N VAL A 111 -4.28 7.96 -4.22
N VAL A 111 -4.16 7.62 -4.43
CA VAL A 111 -4.87 6.63 -4.17
CA VAL A 111 -4.72 6.28 -4.29
C VAL A 111 -4.75 6.04 -2.77
C VAL A 111 -4.71 5.84 -2.83
N THR A 112 -3.62 6.26 -2.11
N THR A 112 -3.63 6.14 -2.10
CA THR A 112 -3.42 5.74 -0.76
CA THR A 112 -3.52 5.71 -0.71
C THR A 112 -4.29 6.48 0.25
C THR A 112 -4.31 6.59 0.23
N ALA A 113 -4.41 7.80 0.11
N ALA A 113 -4.28 7.91 0.03
CA ALA A 113 -5.25 8.57 1.03
CA ALA A 113 -5.09 8.81 0.83
C ALA A 113 -6.72 8.22 0.88
C ALA A 113 -6.57 8.77 0.46
N LYS A 114 -7.16 7.95 -0.36
N LYS A 114 -6.98 7.88 -0.46
CA LYS A 114 -8.57 7.61 -0.58
CA LYS A 114 -8.38 7.59 -0.72
C LYS A 114 -8.93 6.31 0.11
C LYS A 114 -8.81 6.26 -0.13
N GLY A 115 -8.00 5.35 0.14
N GLY A 115 -7.95 5.23 -0.16
CA GLY A 115 -8.31 4.02 0.64
CA GLY A 115 -8.29 3.93 0.37
C GLY A 115 -8.13 3.84 2.13
C GLY A 115 -8.21 3.80 1.87
N GLU A 116 -8.16 4.93 2.89
N GLU A 116 -7.78 4.89 2.54
CA GLU A 116 -7.91 4.85 4.32
CA GLU A 116 -7.59 4.89 3.98
C GLU A 116 -9.19 4.70 5.14
C GLU A 116 -8.89 4.53 4.72
N THR A 117 -10.30 5.30 4.73
N THR A 117 -10.00 5.13 4.31
CA THR A 117 -11.56 5.06 5.43
CA THR A 117 -11.26 4.91 5.01
C THR A 117 -11.95 3.59 5.32
C THR A 117 -11.63 3.43 4.99
N LEU A 118 -11.69 2.98 4.16
N LEU A 118 -11.56 2.81 3.80
CA LEU A 118 -11.96 1.56 3.97
CA LEU A 118 -11.83 1.39 3.67
C LEU A 118 -11.01 0.71 4.81
C LEU A 118 -10.90 0.55 4.53
N ALA A 119 -9.75 1.13 4.92
N ALA A 119 -9.61 0.90 4.56
CA ALA A 119 -8.79 0.38 5.73
CA ALA A 119 -8.68 0.17 5.42
C ALA A 119 -9.23 0.32 7.19
C ALA A 119 -9.12 0.22 6.87
N ASP A 120 -9.71 1.45 7.73
N ASP A 120 -9.56 1.39 7.34
CA ASP A 120 -10.29 1.43 9.06
CA ASP A 120 -10.04 1.50 8.71
C ASP A 120 -11.58 0.60 9.08
C ASP A 120 -11.34 0.73 8.91
N GLN A 121 -12.36 0.63 8.00
N GLN A 121 -12.19 0.67 7.90
CA GLN A 121 -13.59 -0.15 7.96
CA GLN A 121 -13.45 -0.09 8.03
C GLN A 121 -13.31 -1.64 8.08
C GLN A 121 -13.19 -1.58 8.20
N ILE A 122 -12.21 -2.11 7.49
CA ILE A 122 -11.93 -3.53 7.54
C ILE A 122 -11.49 -3.93 8.93
N ALA A 123 -10.71 -3.08 9.60
N ALA A 123 -10.66 -3.11 9.56
CA ALA A 123 -10.25 -3.39 10.94
CA ALA A 123 -10.25 -3.41 10.91
C ALA A 123 -11.41 -3.74 11.87
C ALA A 123 -11.47 -3.66 11.79
N LYS A 124 -12.57 -3.11 11.66
N LYS A 124 -12.51 -2.85 11.60
CA LYS A 124 -13.72 -3.35 12.52
CA LYS A 124 -13.71 -2.91 12.42
C LYS A 124 -14.55 -4.55 12.10
C LYS A 124 -14.64 -4.04 12.02
N ALA A 125 -14.48 -4.95 10.82
N ALA A 125 -14.41 -4.67 10.87
CA ALA A 125 -15.34 -5.99 10.30
CA ALA A 125 -15.29 -5.70 10.36
C ALA A 125 -14.79 -7.40 10.55
C ALA A 125 -14.81 -7.11 10.65
N LEU A 126 -13.47 -7.54 10.66
N LEU A 126 -13.52 -7.32 10.81
CA LEU A 126 -12.86 -8.86 10.79
CA LEU A 126 -12.94 -8.65 10.88
C LEU A 126 -13.18 -9.50 12.13
C LEU A 126 -13.30 -9.37 12.17
#